data_4UZH
#
_entry.id   4UZH
#
_cell.length_a   47.997
_cell.length_b   45.585
_cell.length_c   59.319
_cell.angle_alpha   90.00
_cell.angle_beta   98.34
_cell.angle_gamma   90.00
#
_symmetry.space_group_name_H-M   'P 1 21 1'
#
loop_
_entity.id
_entity.type
_entity.pdbx_description
1 polymer 'AURORA 2 KINASE DOMAIN'
2 non-polymer (4S)-4-(2-fluorophenyl)-2,4,6,7,8,9-hexahydro-5H-pyrazolo[3,4-b][1,7]naphthyridin-5-one
3 water water
#
_entity_poly.entity_id   1
_entity_poly.type   'polypeptide(L)'
_entity_poly.pdbx_seq_one_letter_code
;MKRQWALEDFEIGRPLGKGKFGNVYLAREKQSKFILALKVLFKAQLEKAGVEHQLRREVEIQSHLRHPNILRLYGYFHDA
TRVYLILEYAPLGTVYRELQKLSKFDEQRTATYITELANALSYCHSKRVIHRDIKPENLLLGSAGELKIADFGWSVHAPS
SRRTDLCGTLDYLPPEMIEGRMHDEKVDLWSLGVLCYEFLVGKPPFEANTYQETYKRISRVEFTFPDFVTEGARDLISRL
LKHNPSQRPMLREVLEHPWITANSSKPSNCQNKESAAAALEHHHHHH
;
_entity_poly.pdbx_strand_id   A
#
loop_
_chem_comp.id
_chem_comp.type
_chem_comp.name
_chem_comp.formula
JVE non-polymer (4S)-4-(2-fluorophenyl)-2,4,6,7,8,9-hexahydro-5H-pyrazolo[3,4-b][1,7]naphthyridin-5-one 'C15 H13 F N4 O'
#
# COMPACT_ATOMS: atom_id res chain seq x y z
N MET A 1 -21.69 13.00 17.02
CA MET A 1 -21.08 14.36 16.99
C MET A 1 -19.64 14.28 16.48
N LYS A 2 -19.30 15.14 15.52
CA LYS A 2 -17.97 15.15 14.95
C LYS A 2 -17.38 16.56 14.89
N ARG A 3 -16.10 16.63 14.56
CA ARG A 3 -15.38 17.89 14.45
C ARG A 3 -15.50 18.45 13.04
N GLN A 4 -15.74 19.75 12.93
CA GLN A 4 -15.86 20.39 11.62
C GLN A 4 -14.58 21.14 11.32
N TRP A 5 -13.95 20.82 10.19
CA TRP A 5 -12.71 21.50 9.81
C TRP A 5 -12.93 22.46 8.67
N ALA A 6 -11.99 23.39 8.51
CA ALA A 6 -12.04 24.38 7.47
C ALA A 6 -10.62 24.67 6.98
N LEU A 7 -10.51 25.18 5.77
CA LEU A 7 -9.21 25.50 5.18
C LEU A 7 -8.44 26.48 6.07
N GLU A 8 -9.14 27.46 6.61
CA GLU A 8 -8.51 28.46 7.48
C GLU A 8 -7.93 27.85 8.74
N ASP A 9 -8.19 26.57 8.98
CA ASP A 9 -7.68 25.88 10.17
C ASP A 9 -6.25 25.38 9.99
N PHE A 10 -5.75 25.41 8.77
CA PHE A 10 -4.40 24.93 8.51
C PHE A 10 -3.48 25.93 7.83
N GLU A 11 -2.17 25.78 8.10
CA GLU A 11 -1.17 26.63 7.48
C GLU A 11 -0.63 25.74 6.37
N ILE A 12 -0.99 26.03 5.13
CA ILE A 12 -0.55 25.22 4.01
C ILE A 12 0.95 25.33 3.79
N GLY A 13 1.60 24.17 3.72
CA GLY A 13 3.03 24.12 3.49
C GLY A 13 3.35 23.68 2.07
N ARG A 14 4.53 23.09 1.88
CA ARG A 14 4.98 22.66 0.56
C ARG A 14 4.21 21.50 -0.03
N PRO A 15 4.19 21.41 -1.36
CA PRO A 15 3.47 20.31 -2.01
C PRO A 15 4.28 19.04 -1.77
N LEU A 16 3.59 17.94 -1.49
CA LEU A 16 4.25 16.66 -1.26
C LEU A 16 4.14 15.79 -2.49
N GLY A 17 3.04 15.94 -3.22
CA GLY A 17 2.85 15.13 -4.41
C GLY A 17 1.80 15.68 -5.34
N LYS A 18 1.68 15.05 -6.50
CA LYS A 18 0.72 15.43 -7.53
C LYS A 18 -0.22 14.26 -7.79
N GLY A 19 -1.52 14.55 -7.89
CA GLY A 19 -2.49 13.51 -8.13
C GLY A 19 -3.18 13.74 -9.46
N LYS A 20 -3.94 12.74 -9.91
CA LYS A 20 -4.66 12.85 -11.17
C LYS A 20 -5.94 13.65 -10.96
N PHE A 21 -6.18 14.04 -9.70
CA PHE A 21 -7.38 14.80 -9.36
C PHE A 21 -7.09 15.94 -8.40
N GLY A 22 -5.80 16.18 -8.12
CA GLY A 22 -5.44 17.25 -7.21
C GLY A 22 -4.03 17.13 -6.68
N ASN A 23 -3.75 17.81 -5.57
CA ASN A 23 -2.42 17.77 -4.98
C ASN A 23 -2.46 17.52 -3.49
N VAL A 24 -1.32 17.14 -2.93
CA VAL A 24 -1.20 16.90 -1.50
C VAL A 24 -0.18 17.90 -0.99
N TYR A 25 -0.50 18.53 0.14
CA TYR A 25 0.38 19.53 0.73
C TYR A 25 0.69 19.19 2.17
N LEU A 26 1.87 19.58 2.62
CA LEU A 26 2.22 19.36 4.02
C LEU A 26 1.48 20.53 4.66
N ALA A 27 1.01 20.35 5.90
CA ALA A 27 0.29 21.42 6.56
C ALA A 27 0.45 21.34 8.05
N ARG A 28 -0.03 22.38 8.73
CA ARG A 28 0.01 22.44 10.19
C ARG A 28 -1.34 22.92 10.67
N GLU A 29 -1.92 22.21 11.64
CA GLU A 29 -3.21 22.58 12.20
C GLU A 29 -2.91 23.81 13.08
N LYS A 30 -3.46 24.96 12.70
CA LYS A 30 -3.21 26.21 13.43
C LYS A 30 -3.30 26.13 14.95
N GLN A 31 -4.30 25.44 15.47
CA GLN A 31 -4.47 25.31 16.91
C GLN A 31 -3.40 24.48 17.61
N SER A 32 -3.27 23.22 17.22
CA SER A 32 -2.30 22.31 17.83
C SER A 32 -0.89 22.33 17.24
N LYS A 33 -0.71 23.05 16.13
CA LYS A 33 0.59 23.12 15.46
C LYS A 33 1.02 21.72 15.05
N PHE A 34 0.05 20.83 14.91
CA PHE A 34 0.32 19.44 14.53
C PHE A 34 0.58 19.33 13.03
N ILE A 35 1.65 18.64 12.67
CA ILE A 35 2.03 18.45 11.27
C ILE A 35 1.25 17.31 10.64
N LEU A 36 0.61 17.59 9.51
CA LEU A 36 -0.18 16.60 8.80
C LEU A 36 -0.13 16.84 7.29
N ALA A 37 -0.82 15.99 6.54
CA ALA A 37 -0.85 16.13 5.09
C ALA A 37 -2.27 16.49 4.67
N LEU A 38 -2.39 17.44 3.76
CA LEU A 38 -3.69 17.85 3.28
C LEU A 38 -3.82 17.52 1.81
N LYS A 39 -4.66 16.55 1.48
CA LYS A 39 -4.88 16.17 0.09
C LYS A 39 -6.09 16.91 -0.46
N VAL A 40 -5.88 17.63 -1.56
CA VAL A 40 -6.94 18.40 -2.20
C VAL A 40 -7.40 17.71 -3.47
N LEU A 41 -8.69 17.45 -3.56
CA LEU A 41 -9.25 16.79 -4.73
C LEU A 41 -10.27 17.72 -5.38
N PHE A 42 -10.19 17.85 -6.70
CA PHE A 42 -11.11 18.70 -7.43
C PHE A 42 -12.35 17.92 -7.87
N LYS A 43 -13.50 18.39 -7.44
CA LYS A 43 -14.78 17.74 -7.75
C LYS A 43 -15.01 17.67 -9.26
N ALA A 44 -14.78 18.79 -9.96
CA ALA A 44 -14.97 18.83 -11.40
C ALA A 44 -14.22 17.68 -12.07
N GLN A 45 -13.05 17.36 -11.54
CA GLN A 45 -12.23 16.29 -12.10
C GLN A 45 -12.66 14.92 -11.59
N LEU A 46 -13.06 14.85 -10.32
CA LEU A 46 -13.51 13.58 -9.75
C LEU A 46 -14.77 13.15 -10.48
N GLU A 47 -15.54 14.15 -10.92
CA GLU A 47 -16.79 13.93 -11.63
C GLU A 47 -16.54 13.43 -13.06
N LYS A 48 -15.65 14.10 -13.78
CA LYS A 48 -15.33 13.73 -15.15
C LYS A 48 -14.53 12.43 -15.23
N ALA A 49 -14.60 11.63 -14.16
CA ALA A 49 -13.87 10.37 -14.13
C ALA A 49 -14.72 9.25 -13.53
N GLY A 50 -15.88 9.62 -12.97
CA GLY A 50 -16.76 8.64 -12.37
C GLY A 50 -16.11 7.83 -11.27
N VAL A 51 -15.28 8.49 -10.46
CA VAL A 51 -14.60 7.83 -9.36
C VAL A 51 -15.11 8.35 -8.03
N GLU A 52 -16.07 9.28 -8.09
CA GLU A 52 -16.63 9.86 -6.88
C GLU A 52 -17.18 8.77 -5.96
N HIS A 53 -17.90 7.81 -6.54
CA HIS A 53 -18.48 6.73 -5.77
C HIS A 53 -17.37 5.90 -5.11
N GLN A 54 -16.18 5.93 -5.71
CA GLN A 54 -15.05 5.20 -5.17
C GLN A 54 -14.46 5.96 -3.98
N LEU A 55 -14.33 7.27 -4.13
CA LEU A 55 -13.79 8.11 -3.07
C LEU A 55 -14.65 8.05 -1.81
N ARG A 56 -15.97 8.14 -1.99
CA ARG A 56 -16.91 8.09 -0.89
C ARG A 56 -16.76 6.79 -0.11
N ARG A 57 -16.58 5.70 -0.83
CA ARG A 57 -16.42 4.38 -0.22
C ARG A 57 -15.09 4.29 0.53
N GLU A 58 -14.02 4.72 -0.12
CA GLU A 58 -12.69 4.66 0.50
C GLU A 58 -12.61 5.53 1.75
N VAL A 59 -13.18 6.73 1.68
CA VAL A 59 -13.16 7.63 2.83
C VAL A 59 -13.90 7.01 4.00
N GLU A 60 -15.03 6.37 3.71
CA GLU A 60 -15.84 5.72 4.74
C GLU A 60 -15.00 4.65 5.44
N ILE A 61 -14.38 3.79 4.64
CA ILE A 61 -13.54 2.72 5.16
C ILE A 61 -12.36 3.26 5.97
N GLN A 62 -11.55 4.12 5.36
CA GLN A 62 -10.38 4.70 6.01
C GLN A 62 -10.68 5.34 7.36
N SER A 63 -11.78 6.07 7.45
CA SER A 63 -12.13 6.74 8.70
C SER A 63 -12.29 5.74 9.85
N HIS A 64 -12.76 4.55 9.53
CA HIS A 64 -12.96 3.49 10.53
C HIS A 64 -11.73 2.64 10.81
N LEU A 65 -10.76 2.66 9.90
CA LEU A 65 -9.54 1.87 10.07
C LEU A 65 -8.53 2.57 10.98
N ARG A 66 -8.15 1.91 12.06
CA ARG A 66 -7.18 2.45 13.00
C ARG A 66 -6.11 1.41 13.30
N HIS A 67 -4.99 1.51 12.60
CA HIS A 67 -3.89 0.57 12.76
C HIS A 67 -2.56 1.31 12.56
N PRO A 68 -1.54 0.97 13.35
CA PRO A 68 -0.24 1.64 13.21
C PRO A 68 0.43 1.52 11.84
N ASN A 69 0.00 0.55 11.04
CA ASN A 69 0.60 0.39 9.72
C ASN A 69 -0.35 0.74 8.58
N ILE A 70 -1.32 1.59 8.87
CA ILE A 70 -2.28 2.07 7.87
C ILE A 70 -2.32 3.58 8.05
N LEU A 71 -2.07 4.33 6.97
CA LEU A 71 -2.07 5.80 7.05
C LEU A 71 -3.43 6.26 7.57
N ARG A 72 -3.38 7.10 8.59
CA ARG A 72 -4.59 7.59 9.23
C ARG A 72 -5.26 8.77 8.53
N LEU A 73 -6.57 8.68 8.39
CA LEU A 73 -7.38 9.74 7.80
C LEU A 73 -8.08 10.36 9.02
N TYR A 74 -7.63 11.55 9.41
CA TYR A 74 -8.20 12.21 10.58
C TYR A 74 -9.58 12.80 10.32
N GLY A 75 -9.82 13.25 9.09
CA GLY A 75 -11.10 13.83 8.77
C GLY A 75 -11.12 14.41 7.37
N TYR A 76 -12.14 15.21 7.09
CA TYR A 76 -12.27 15.83 5.79
C TYR A 76 -13.26 16.97 5.83
N PHE A 77 -13.20 17.81 4.81
CA PHE A 77 -14.11 18.93 4.66
C PHE A 77 -14.11 19.29 3.19
N HIS A 78 -15.07 20.09 2.76
CA HIS A 78 -15.14 20.46 1.34
C HIS A 78 -15.77 21.83 1.14
N ASP A 79 -15.63 22.33 -0.08
CA ASP A 79 -16.22 23.61 -0.44
C ASP A 79 -16.87 23.43 -1.81
N ALA A 80 -17.32 24.52 -2.41
CA ALA A 80 -17.97 24.48 -3.70
C ALA A 80 -17.24 23.72 -4.80
N THR A 81 -15.91 23.70 -4.76
CA THR A 81 -15.15 23.04 -5.82
C THR A 81 -14.11 22.01 -5.41
N ARG A 82 -13.90 21.82 -4.11
CA ARG A 82 -12.88 20.87 -3.67
C ARG A 82 -13.25 20.01 -2.48
N VAL A 83 -12.62 18.83 -2.44
CA VAL A 83 -12.79 17.89 -1.35
C VAL A 83 -11.42 17.82 -0.68
N TYR A 84 -11.39 18.04 0.64
CA TYR A 84 -10.15 18.03 1.40
C TYR A 84 -10.05 16.84 2.35
N LEU A 85 -8.95 16.09 2.26
CA LEU A 85 -8.73 14.95 3.13
C LEU A 85 -7.60 15.27 4.10
N ILE A 86 -7.87 15.14 5.40
CA ILE A 86 -6.87 15.43 6.43
C ILE A 86 -6.17 14.12 6.79
N LEU A 87 -4.94 13.97 6.30
CA LEU A 87 -4.19 12.74 6.51
C LEU A 87 -2.95 12.84 7.37
N GLU A 88 -2.55 11.69 7.90
CA GLU A 88 -1.34 11.57 8.71
C GLU A 88 -0.17 11.82 7.75
N TYR A 89 0.84 12.52 8.24
CA TYR A 89 2.03 12.78 7.43
C TYR A 89 3.09 11.74 7.77
N ALA A 90 3.68 11.15 6.74
CA ALA A 90 4.73 10.14 6.92
C ALA A 90 6.04 10.85 6.59
N PRO A 91 6.76 11.31 7.62
CA PRO A 91 8.02 12.03 7.42
C PRO A 91 9.15 11.35 6.64
N LEU A 92 9.18 10.01 6.63
CA LEU A 92 10.26 9.35 5.90
C LEU A 92 10.00 9.03 4.43
N GLY A 93 8.90 9.54 3.88
CA GLY A 93 8.62 9.33 2.47
C GLY A 93 8.03 7.99 2.08
N THR A 94 8.09 7.67 0.78
CA THR A 94 7.55 6.42 0.27
C THR A 94 8.58 5.30 0.24
N VAL A 95 8.10 4.07 0.26
CA VAL A 95 9.00 2.93 0.21
C VAL A 95 9.56 2.88 -1.21
N TYR A 96 8.78 3.38 -2.16
CA TYR A 96 9.20 3.43 -3.54
C TYR A 96 10.50 4.22 -3.65
N ARG A 97 10.54 5.36 -2.98
CA ARG A 97 11.73 6.21 -3.00
C ARG A 97 12.94 5.50 -2.40
N GLU A 98 12.76 4.85 -1.26
CA GLU A 98 13.87 4.15 -0.62
C GLU A 98 14.38 3.02 -1.52
N LEU A 99 13.46 2.34 -2.19
CA LEU A 99 13.82 1.24 -3.09
C LEU A 99 14.68 1.75 -4.24
N GLN A 100 14.27 2.86 -4.85
CA GLN A 100 15.03 3.43 -5.96
C GLN A 100 16.40 3.90 -5.48
N LYS A 101 16.43 4.48 -4.28
CA LYS A 101 17.68 4.97 -3.73
C LYS A 101 18.65 3.83 -3.43
N LEU A 102 18.15 2.75 -2.83
CA LEU A 102 19.00 1.61 -2.48
C LEU A 102 19.14 0.55 -3.58
N SER A 103 18.20 0.55 -4.52
CA SER A 103 18.11 -0.39 -5.64
C SER A 103 17.45 -1.71 -5.21
N LYS A 104 17.68 -2.12 -3.97
CA LYS A 104 17.08 -3.34 -3.42
C LYS A 104 17.22 -3.30 -1.90
N PHE A 105 16.38 -4.05 -1.20
CA PHE A 105 16.41 -4.08 0.26
C PHE A 105 17.07 -5.36 0.75
N ASP A 106 17.68 -5.31 1.93
CA ASP A 106 18.29 -6.51 2.48
C ASP A 106 17.17 -7.34 3.10
N GLU A 107 17.50 -8.53 3.59
CA GLU A 107 16.48 -9.40 4.16
C GLU A 107 15.83 -8.88 5.43
N GLN A 108 16.59 -8.18 6.25
CA GLN A 108 16.04 -7.66 7.48
C GLN A 108 14.98 -6.60 7.21
N ARG A 109 15.29 -5.64 6.34
CA ARG A 109 14.33 -4.59 6.01
C ARG A 109 13.09 -5.15 5.32
N THR A 110 13.30 -6.10 4.41
CA THR A 110 12.21 -6.72 3.68
C THR A 110 11.28 -7.52 4.58
N ALA A 111 11.85 -8.38 5.43
CA ALA A 111 11.03 -9.19 6.32
C ALA A 111 10.25 -8.32 7.29
N THR A 112 10.85 -7.19 7.69
CA THR A 112 10.19 -6.28 8.62
C THR A 112 8.99 -5.64 7.92
N TYR A 113 9.20 -5.15 6.70
CA TYR A 113 8.11 -4.54 5.92
C TYR A 113 6.98 -5.52 5.70
N ILE A 114 7.34 -6.76 5.32
CA ILE A 114 6.33 -7.80 5.06
C ILE A 114 5.54 -8.10 6.34
N THR A 115 6.21 -8.06 7.48
CA THR A 115 5.53 -8.32 8.74
C THR A 115 4.51 -7.21 9.00
N GLU A 116 4.92 -5.96 8.83
CA GLU A 116 4.04 -4.81 9.06
C GLU A 116 2.86 -4.81 8.09
N LEU A 117 3.12 -5.22 6.85
CA LEU A 117 2.09 -5.29 5.83
C LEU A 117 1.11 -6.41 6.17
N ALA A 118 1.65 -7.56 6.57
CA ALA A 118 0.82 -8.72 6.93
C ALA A 118 -0.08 -8.39 8.12
N ASN A 119 0.44 -7.61 9.06
CA ASN A 119 -0.34 -7.21 10.24
C ASN A 119 -1.48 -6.29 9.81
N ALA A 120 -1.16 -5.30 8.99
CA ALA A 120 -2.14 -4.35 8.49
C ALA A 120 -3.20 -5.07 7.67
N LEU A 121 -2.76 -5.99 6.80
CA LEU A 121 -3.69 -6.73 5.96
C LEU A 121 -4.56 -7.64 6.81
N SER A 122 -3.98 -8.26 7.84
CA SER A 122 -4.74 -9.14 8.72
C SER A 122 -5.84 -8.32 9.41
N TYR A 123 -5.51 -7.10 9.81
CA TYR A 123 -6.46 -6.21 10.47
C TYR A 123 -7.57 -5.85 9.48
N CYS A 124 -7.18 -5.51 8.25
CA CYS A 124 -8.16 -5.16 7.23
C CYS A 124 -9.14 -6.29 6.99
N HIS A 125 -8.62 -7.50 6.84
CA HIS A 125 -9.47 -8.66 6.60
C HIS A 125 -10.44 -8.91 7.75
N SER A 126 -10.00 -8.64 8.98
CA SER A 126 -10.86 -8.86 10.14
C SER A 126 -12.02 -7.86 10.09
N LYS A 127 -11.88 -6.84 9.26
CA LYS A 127 -12.92 -5.82 9.09
C LYS A 127 -13.57 -5.95 7.72
N ARG A 128 -13.36 -7.09 7.07
CA ARG A 128 -13.92 -7.39 5.75
C ARG A 128 -13.48 -6.42 4.65
N VAL A 129 -12.29 -5.85 4.81
CA VAL A 129 -11.73 -4.93 3.83
C VAL A 129 -10.61 -5.67 3.11
N ILE A 130 -10.74 -5.81 1.80
CA ILE A 130 -9.74 -6.52 1.03
C ILE A 130 -9.27 -5.77 -0.21
N HIS A 131 -8.30 -6.38 -0.89
CA HIS A 131 -7.70 -5.85 -2.11
C HIS A 131 -7.13 -4.45 -1.92
N ARG A 132 -6.02 -4.38 -1.18
CA ARG A 132 -5.36 -3.11 -0.94
C ARG A 132 -4.23 -3.00 -1.98
N ASP A 133 -4.17 -1.85 -2.64
CA ASP A 133 -3.13 -1.62 -3.65
C ASP A 133 -1.85 -1.29 -2.88
N ILE A 134 -1.07 -2.32 -2.55
CA ILE A 134 0.15 -2.11 -1.78
C ILE A 134 1.43 -1.94 -2.59
N LYS A 135 1.34 -1.34 -3.77
CA LYS A 135 2.54 -1.12 -4.57
C LYS A 135 3.43 -0.14 -3.79
N PRO A 136 4.76 -0.23 -3.97
CA PRO A 136 5.72 0.64 -3.29
C PRO A 136 5.35 2.12 -3.17
N GLU A 137 4.76 2.68 -4.21
CA GLU A 137 4.37 4.08 -4.21
C GLU A 137 3.24 4.38 -3.24
N ASN A 138 2.47 3.37 -2.86
CA ASN A 138 1.36 3.53 -1.92
C ASN A 138 1.77 3.15 -0.49
N LEU A 139 3.06 2.93 -0.28
CA LEU A 139 3.56 2.57 1.03
C LEU A 139 4.43 3.72 1.53
N LEU A 140 4.04 4.28 2.68
CA LEU A 140 4.77 5.40 3.27
C LEU A 140 5.53 4.95 4.51
N LEU A 141 6.40 5.81 5.02
CA LEU A 141 7.19 5.48 6.19
C LEU A 141 7.04 6.53 7.30
N GLY A 142 6.72 6.05 8.50
CA GLY A 142 6.57 6.93 9.64
C GLY A 142 7.91 7.41 10.17
N SER A 143 7.86 8.20 11.25
CA SER A 143 9.06 8.77 11.84
C SER A 143 10.11 7.75 12.28
N ALA A 144 9.68 6.54 12.58
CA ALA A 144 10.62 5.51 13.01
C ALA A 144 10.91 4.53 11.88
N GLY A 145 10.44 4.87 10.68
CA GLY A 145 10.68 4.01 9.54
C GLY A 145 9.65 2.89 9.41
N GLU A 146 8.56 2.99 10.16
CA GLU A 146 7.52 1.96 10.13
C GLU A 146 6.67 2.15 8.87
N LEU A 147 6.31 1.04 8.25
CA LEU A 147 5.52 1.07 7.02
C LEU A 147 4.06 1.47 7.27
N LYS A 148 3.49 2.20 6.32
CA LYS A 148 2.10 2.67 6.41
C LYS A 148 1.43 2.49 5.05
N ILE A 149 0.37 1.70 4.98
CA ILE A 149 -0.34 1.52 3.73
C ILE A 149 -1.16 2.79 3.43
N ALA A 150 -0.93 3.35 2.26
CA ALA A 150 -1.61 4.57 1.84
C ALA A 150 -2.12 4.46 0.41
N ASP A 151 -3.05 3.54 0.18
CA ASP A 151 -3.60 3.34 -1.16
C ASP A 151 -4.99 3.98 -1.22
N PHE A 152 -5.02 5.30 -1.02
CA PHE A 152 -6.27 6.05 -1.02
C PHE A 152 -5.99 7.53 -1.16
N LEU A 170 -1.14 -3.43 -12.24
CA LEU A 170 -0.70 -4.20 -13.40
C LEU A 170 0.28 -5.29 -12.98
N ASP A 171 1.51 -4.88 -12.70
CA ASP A 171 2.55 -5.82 -12.27
C ASP A 171 2.17 -6.47 -10.95
N TYR A 172 1.13 -5.94 -10.30
CA TYR A 172 0.70 -6.45 -9.00
C TYR A 172 -0.61 -7.23 -9.00
N LEU A 173 -1.26 -7.31 -10.14
CA LEU A 173 -2.54 -8.03 -10.22
C LEU A 173 -2.36 -9.54 -10.25
N PRO A 174 -3.16 -10.27 -9.47
CA PRO A 174 -3.08 -11.73 -9.41
C PRO A 174 -3.71 -12.36 -10.66
N PRO A 175 -3.40 -13.64 -10.91
CA PRO A 175 -3.95 -14.35 -12.08
C PRO A 175 -5.47 -14.24 -12.18
N GLU A 176 -6.16 -14.50 -11.08
CA GLU A 176 -7.62 -14.45 -11.08
C GLU A 176 -8.19 -13.13 -11.60
N MET A 177 -7.58 -12.01 -11.20
CA MET A 177 -8.06 -10.71 -11.66
C MET A 177 -7.75 -10.43 -13.13
N ILE A 178 -6.50 -10.56 -13.53
CA ILE A 178 -6.14 -10.32 -14.93
C ILE A 178 -6.92 -11.23 -15.88
N GLU A 179 -7.26 -12.42 -15.40
CA GLU A 179 -8.00 -13.39 -16.21
C GLU A 179 -9.51 -13.15 -16.16
N GLY A 180 -9.91 -12.02 -15.57
CA GLY A 180 -11.32 -11.68 -15.48
C GLY A 180 -12.15 -12.60 -14.59
N ARG A 181 -11.48 -13.43 -13.80
CA ARG A 181 -12.17 -14.36 -12.91
C ARG A 181 -12.58 -13.67 -11.60
N MET A 182 -13.25 -14.43 -10.74
CA MET A 182 -13.72 -13.92 -9.46
C MET A 182 -12.64 -14.13 -8.39
N HIS A 183 -12.54 -13.19 -7.45
CA HIS A 183 -11.52 -13.29 -6.41
C HIS A 183 -12.04 -13.00 -5.00
N ASP A 184 -11.14 -13.13 -4.03
CA ASP A 184 -11.45 -12.86 -2.63
C ASP A 184 -10.26 -12.20 -1.95
N GLU A 185 -10.15 -12.35 -0.63
CA GLU A 185 -9.05 -11.73 0.11
C GLU A 185 -7.68 -12.30 -0.25
N LYS A 186 -7.68 -13.48 -0.87
CA LYS A 186 -6.43 -14.13 -1.26
C LYS A 186 -5.62 -13.29 -2.25
N VAL A 187 -6.26 -12.29 -2.85
CA VAL A 187 -5.55 -11.42 -3.79
C VAL A 187 -4.49 -10.63 -3.03
N ASP A 188 -4.74 -10.35 -1.75
CA ASP A 188 -3.78 -9.58 -0.97
C ASP A 188 -2.54 -10.41 -0.63
N LEU A 189 -2.69 -11.73 -0.59
CA LEU A 189 -1.55 -12.60 -0.31
C LEU A 189 -0.65 -12.63 -1.54
N TRP A 190 -1.27 -12.61 -2.72
CA TRP A 190 -0.51 -12.59 -3.95
C TRP A 190 0.30 -11.29 -3.97
N SER A 191 -0.38 -10.18 -3.66
CA SER A 191 0.27 -8.87 -3.64
C SER A 191 1.51 -8.87 -2.73
N LEU A 192 1.37 -9.50 -1.58
CA LEU A 192 2.45 -9.57 -0.61
C LEU A 192 3.65 -10.32 -1.20
N GLY A 193 3.37 -11.34 -2.00
CA GLY A 193 4.46 -12.08 -2.63
C GLY A 193 5.18 -11.24 -3.67
N VAL A 194 4.41 -10.45 -4.43
CA VAL A 194 4.98 -9.59 -5.46
C VAL A 194 5.85 -8.53 -4.77
N LEU A 195 5.36 -7.98 -3.66
CA LEU A 195 6.11 -6.97 -2.91
C LEU A 195 7.37 -7.54 -2.27
N CYS A 196 7.26 -8.72 -1.69
CA CYS A 196 8.43 -9.34 -1.07
C CYS A 196 9.52 -9.50 -2.14
N TYR A 197 9.12 -9.98 -3.32
CA TYR A 197 10.06 -10.15 -4.41
C TYR A 197 10.66 -8.80 -4.85
N GLU A 198 9.82 -7.81 -5.10
CA GLU A 198 10.31 -6.50 -5.54
C GLU A 198 11.23 -5.86 -4.48
N PHE A 199 10.91 -6.04 -3.20
CA PHE A 199 11.75 -5.48 -2.16
C PHE A 199 13.16 -6.09 -2.21
N LEU A 200 13.21 -7.40 -2.36
CA LEU A 200 14.50 -8.12 -2.39
C LEU A 200 15.28 -7.99 -3.68
N VAL A 201 14.55 -7.86 -4.79
CA VAL A 201 15.16 -7.80 -6.11
C VAL A 201 15.33 -6.40 -6.71
N GLY A 202 14.36 -5.52 -6.46
CA GLY A 202 14.43 -4.17 -7.01
C GLY A 202 13.39 -3.94 -8.10
N LYS A 203 12.81 -5.02 -8.61
CA LYS A 203 11.78 -4.93 -9.65
C LYS A 203 10.75 -6.04 -9.41
N PRO A 204 9.48 -5.81 -9.80
CA PRO A 204 8.45 -6.83 -9.60
C PRO A 204 8.80 -8.07 -10.44
N PRO A 205 8.36 -9.26 -10.01
CA PRO A 205 8.65 -10.53 -10.69
C PRO A 205 8.19 -10.78 -12.12
N PHE A 206 7.11 -10.13 -12.53
CA PHE A 206 6.56 -10.37 -13.86
C PHE A 206 6.78 -9.27 -14.87
N GLU A 207 7.69 -8.36 -14.56
CA GLU A 207 7.98 -7.24 -15.46
C GLU A 207 8.37 -7.73 -16.84
N ALA A 208 7.84 -7.07 -17.86
CA ALA A 208 8.13 -7.42 -19.26
C ALA A 208 8.01 -6.17 -20.14
N ASN A 209 8.30 -6.33 -21.43
CA ASN A 209 8.24 -5.21 -22.37
C ASN A 209 6.83 -4.70 -22.65
N THR A 210 5.88 -5.62 -22.82
CA THR A 210 4.51 -5.23 -23.11
C THR A 210 3.48 -5.70 -22.09
N TYR A 211 2.35 -5.02 -22.07
CA TYR A 211 1.24 -5.35 -21.18
C TYR A 211 0.88 -6.81 -21.44
N GLN A 212 0.80 -7.16 -22.73
CA GLN A 212 0.45 -8.51 -23.13
C GLN A 212 1.44 -9.53 -22.59
N GLU A 213 2.73 -9.19 -22.58
CA GLU A 213 3.73 -10.11 -22.07
C GLU A 213 3.65 -10.24 -20.56
N THR A 214 3.43 -9.13 -19.87
CA THR A 214 3.32 -9.16 -18.41
C THR A 214 2.14 -10.06 -18.06
N TYR A 215 1.03 -9.85 -18.75
CA TYR A 215 -0.18 -10.64 -18.54
C TYR A 215 0.10 -12.14 -18.63
N LYS A 216 0.80 -12.57 -19.67
CA LYS A 216 1.10 -13.99 -19.84
C LYS A 216 2.07 -14.46 -18.75
N ARG A 217 2.91 -13.55 -18.28
CA ARG A 217 3.88 -13.88 -17.23
C ARG A 217 3.14 -14.17 -15.92
N ILE A 218 2.16 -13.34 -15.62
CA ILE A 218 1.38 -13.50 -14.39
C ILE A 218 0.50 -14.74 -14.51
N SER A 219 -0.23 -14.83 -15.61
CA SER A 219 -1.12 -15.96 -15.85
C SER A 219 -0.43 -17.31 -15.69
N ARG A 220 0.80 -17.40 -16.18
CA ARG A 220 1.58 -18.63 -16.11
C ARG A 220 2.49 -18.68 -14.88
N VAL A 221 2.45 -17.62 -14.08
CA VAL A 221 3.28 -17.50 -12.88
C VAL A 221 4.72 -17.83 -13.28
N GLU A 222 5.20 -17.09 -14.27
CA GLU A 222 6.56 -17.27 -14.79
C GLU A 222 7.48 -16.14 -14.31
N PHE A 223 8.40 -16.49 -13.42
CA PHE A 223 9.38 -15.53 -12.91
C PHE A 223 10.62 -16.30 -12.44
N THR A 224 11.73 -15.60 -12.29
CA THR A 224 12.99 -16.20 -11.88
C THR A 224 13.56 -15.51 -10.66
N PHE A 225 14.42 -16.22 -9.93
CA PHE A 225 15.06 -15.69 -8.73
C PHE A 225 16.54 -15.39 -8.97
N PRO A 226 17.00 -14.18 -8.62
CA PRO A 226 18.43 -13.91 -8.83
C PRO A 226 19.18 -14.78 -7.80
N ASP A 227 20.47 -14.99 -8.02
CA ASP A 227 21.28 -15.81 -7.11
C ASP A 227 21.31 -15.39 -5.66
N PHE A 228 21.21 -14.09 -5.39
CA PHE A 228 21.27 -13.63 -4.00
C PHE A 228 20.01 -13.86 -3.17
N VAL A 229 18.90 -14.24 -3.82
CA VAL A 229 17.67 -14.51 -3.09
C VAL A 229 17.82 -15.87 -2.40
N THR A 230 17.80 -15.86 -1.07
CA THR A 230 18.00 -17.07 -0.28
C THR A 230 16.84 -18.07 -0.27
N GLU A 231 17.14 -19.27 0.23
CA GLU A 231 16.17 -20.35 0.31
C GLU A 231 14.88 -20.00 1.05
N GLY A 232 15.02 -19.33 2.19
CA GLY A 232 13.85 -18.96 2.96
C GLY A 232 12.95 -17.97 2.22
N ALA A 233 13.56 -16.98 1.58
CA ALA A 233 12.79 -16.00 0.83
C ALA A 233 12.08 -16.66 -0.35
N ARG A 234 12.77 -17.57 -1.03
CA ARG A 234 12.19 -18.27 -2.18
C ARG A 234 11.00 -19.11 -1.75
N ASP A 235 11.12 -19.75 -0.59
CA ASP A 235 10.02 -20.56 -0.10
C ASP A 235 8.78 -19.67 0.13
N LEU A 236 8.97 -18.55 0.82
CA LEU A 236 7.85 -17.65 1.08
C LEU A 236 7.24 -17.07 -0.19
N ILE A 237 8.07 -16.51 -1.05
CA ILE A 237 7.57 -15.92 -2.28
C ILE A 237 6.86 -16.95 -3.16
N SER A 238 7.46 -18.12 -3.34
CA SER A 238 6.84 -19.15 -4.18
C SER A 238 5.47 -19.60 -3.67
N ARG A 239 5.31 -19.62 -2.35
CA ARG A 239 4.05 -20.03 -1.74
C ARG A 239 2.98 -18.95 -1.88
N LEU A 240 3.41 -17.68 -1.79
CA LEU A 240 2.49 -16.57 -1.91
C LEU A 240 2.04 -16.39 -3.35
N LEU A 241 2.94 -16.66 -4.29
CA LEU A 241 2.64 -16.51 -5.71
C LEU A 241 2.15 -17.79 -6.36
N LYS A 242 1.20 -18.45 -5.71
CA LYS A 242 0.61 -19.67 -6.25
C LYS A 242 -0.55 -19.26 -7.14
N HIS A 243 -0.69 -19.90 -8.30
CA HIS A 243 -1.77 -19.56 -9.21
C HIS A 243 -3.13 -19.81 -8.56
N ASN A 244 -3.25 -20.94 -7.87
CA ASN A 244 -4.48 -21.31 -7.18
C ASN A 244 -4.54 -20.57 -5.84
N PRO A 245 -5.51 -19.66 -5.67
CA PRO A 245 -5.67 -18.87 -4.44
C PRO A 245 -5.69 -19.67 -3.14
N SER A 246 -6.27 -20.87 -3.19
CA SER A 246 -6.38 -21.70 -2.00
C SER A 246 -5.05 -22.31 -1.57
N GLN A 247 -4.04 -22.26 -2.46
CA GLN A 247 -2.73 -22.81 -2.13
C GLN A 247 -1.83 -21.74 -1.51
N ARG A 248 -2.31 -20.50 -1.46
CA ARG A 248 -1.53 -19.43 -0.86
C ARG A 248 -1.70 -19.51 0.65
N PRO A 249 -0.62 -19.26 1.39
CA PRO A 249 -0.72 -19.32 2.85
C PRO A 249 -1.65 -18.28 3.45
N MET A 250 -2.00 -18.48 4.71
CA MET A 250 -2.84 -17.53 5.43
C MET A 250 -1.89 -16.48 5.97
N LEU A 251 -2.39 -15.29 6.27
CA LEU A 251 -1.54 -14.23 6.80
C LEU A 251 -0.80 -14.65 8.08
N ARG A 252 -1.46 -15.47 8.91
CA ARG A 252 -0.81 -15.92 10.13
C ARG A 252 0.35 -16.85 9.79
N GLU A 253 0.23 -17.59 8.70
CA GLU A 253 1.31 -18.49 8.28
C GLU A 253 2.49 -17.67 7.76
N VAL A 254 2.21 -16.48 7.23
CA VAL A 254 3.27 -15.60 6.75
C VAL A 254 4.04 -15.09 7.98
N LEU A 255 3.31 -14.61 8.98
CA LEU A 255 3.91 -14.07 10.19
C LEU A 255 4.69 -15.11 11.00
N GLU A 256 4.40 -16.39 10.76
CA GLU A 256 5.07 -17.47 11.45
C GLU A 256 6.12 -18.16 10.58
N HIS A 257 6.26 -17.71 9.34
CA HIS A 257 7.24 -18.32 8.44
C HIS A 257 8.65 -18.12 9.00
N PRO A 258 9.45 -19.20 9.05
CA PRO A 258 10.82 -19.08 9.59
C PRO A 258 11.71 -18.02 8.97
N TRP A 259 11.48 -17.67 7.71
CA TRP A 259 12.31 -16.64 7.08
C TRP A 259 11.94 -15.29 7.68
N ILE A 260 10.65 -15.12 7.97
CA ILE A 260 10.14 -13.89 8.57
C ILE A 260 10.57 -13.77 10.04
N THR A 261 10.46 -14.85 10.79
CA THR A 261 10.83 -14.82 12.21
C THR A 261 12.34 -14.74 12.42
N ALA A 262 13.12 -15.09 11.41
CA ALA A 262 14.57 -15.02 11.52
C ALA A 262 15.07 -13.63 11.12
N ASN A 263 14.38 -12.99 10.19
CA ASN A 263 14.82 -11.71 9.68
C ASN A 263 14.13 -10.42 10.07
N SER A 264 12.86 -10.49 10.46
CA SER A 264 12.12 -9.29 10.82
C SER A 264 12.71 -8.67 12.08
N SER A 265 12.89 -7.36 12.06
CA SER A 265 13.45 -6.68 13.22
C SER A 265 12.32 -6.32 14.18
N LYS A 266 11.10 -6.71 13.83
CA LYS A 266 9.94 -6.42 14.66
C LYS A 266 9.01 -7.62 14.76
N PRO A 267 8.42 -7.82 15.95
CA PRO A 267 7.48 -8.92 16.18
C PRO A 267 6.11 -8.63 15.57
N SER A 268 5.29 -9.65 15.42
CA SER A 268 3.95 -9.49 14.84
C SER A 268 3.02 -8.69 15.77
N ASN A 269 1.84 -8.51 15.39
C8 JVE B . 5.05 11.82 -0.42
N9 JVE B . 4.90 11.30 -1.80
C10 JVE B . 3.83 11.97 -2.59
C11 JVE B . 2.48 11.91 -1.86
C12 JVE B . 3.71 11.77 0.31
C13 JVE B . 2.49 11.81 -0.34
C14 JVE B . 1.11 11.75 0.43
O15 JVE B . 1.46 11.96 -2.49
C16 JVE B . 0.18 10.58 0.01
C17 JVE B . -1.24 10.71 0.02
C18 JVE B . 0.71 9.33 -0.42
C19 JVE B . -2.10 9.65 -0.36
F20 JVE B . -1.82 11.86 0.42
C21 JVE B . -0.14 8.25 -0.81
C22 JVE B . -1.55 8.42 -0.78
C23 JVE B . 2.65 11.63 2.53
C24 JVE B . 1.32 11.66 1.96
N25 JVE B . 2.60 11.56 3.86
N26 JVE B . 3.78 11.68 1.80
C27 JVE B . 0.48 11.60 3.01
N28 JVE B . 1.23 11.54 4.29
#